data_3FK1
#
_entry.id   3FK1
#
_cell.length_a   57.886
_cell.length_b   85.042
_cell.length_c   87.690
_cell.angle_alpha   90.000
_cell.angle_beta   90.000
_cell.angle_gamma   90.000
#
_symmetry.space_group_name_H-M   'P 21 21 21'
#
loop_
_entity.id
_entity.type
_entity.pdbx_description
1 polymer '3-phosphoshikimate 1-carboxyvinyltransferase'
2 non-polymer SHIKIMATE-3-PHOSPHATE
3 non-polymer N-(phosphonomethyl)glycine
4 non-polymer 'FORMIC ACID'
5 water water
#
_entity_poly.entity_id   1
_entity_poly.type   'polypeptide(L)'
_entity_poly.pdbx_seq_one_letter_code
;MESLTLQPIARVDGTINLPGSKSVSNRALLLAALAHGKTVLTNLLDSDDVRHMLNALTALGVSYTLSADRTRCEIIGNGG
PLHAEGALELFLGNAGIAMRSLAAALCLGSNDIVLTGEPRMKERPIGHLVDALRLGGAKITYLEQENYPPLRLQGGFTGG
NVDVDGSVSSQFLTALLMTAPLAPEDTVIRIKGDLVSKPYIDITLNLMKTFGVEIENQHYQQFVVKGGQSYQSPGTYLVE
GDASSASYFLAAAAIKGGTVKVTGIGRNSMQGDIRFADVLEKMGATICWGDDYISCTRGELNAIDMDMNHIPDAAMTIAT
AALFAKGTTTLRNIYNWRVKETDRLFAMATELRKVGAEVEEGHDYIRITPPEKLNFAEIATYNDHRMAMCFSLVALSDTP
VTILDPKCTAKTFPDYFEQLARISQAA
;
_entity_poly.pdbx_strand_id   A
#
# COMPACT_ATOMS: atom_id res chain seq x y z
N MET A 1 5.61 14.18 23.08
CA MET A 1 5.92 12.98 22.25
C MET A 1 7.11 13.27 21.34
N GLU A 2 7.51 12.28 20.55
CA GLU A 2 8.64 12.46 19.64
C GLU A 2 8.32 13.39 18.48
N SER A 3 9.35 14.05 17.98
CA SER A 3 9.16 14.93 16.84
C SER A 3 10.50 15.10 16.16
N LEU A 4 10.43 15.54 14.92
CA LEU A 4 11.61 15.77 14.13
C LEU A 4 11.38 17.12 13.46
N THR A 5 12.39 17.97 13.45
CA THR A 5 12.24 19.26 12.78
C THR A 5 13.15 19.23 11.54
N LEU A 6 12.58 19.56 10.38
CA LEU A 6 13.35 19.56 9.15
C LEU A 6 13.71 20.99 8.79
N GLN A 7 14.99 21.25 8.57
CA GLN A 7 15.38 22.59 8.17
C GLN A 7 15.14 22.75 6.67
N PRO A 8 15.02 24.00 6.21
CA PRO A 8 14.78 24.27 4.79
C PRO A 8 15.82 23.57 3.92
N ILE A 9 15.35 23.00 2.81
CA ILE A 9 16.18 22.26 1.87
C ILE A 9 16.31 23.14 0.64
N ALA A 10 17.54 23.57 0.35
CA ALA A 10 17.76 24.45 -0.79
C ALA A 10 17.59 23.81 -2.16
N ARG A 11 17.93 22.53 -2.27
CA ARG A 11 17.86 21.85 -3.57
C ARG A 11 17.91 20.35 -3.31
N VAL A 12 17.30 19.55 -4.16
CA VAL A 12 17.42 18.11 -3.98
C VAL A 12 17.99 17.60 -5.29
N ASP A 13 18.82 16.57 -5.20
CA ASP A 13 19.43 16.00 -6.36
C ASP A 13 20.14 14.74 -5.93
N GLY A 14 20.05 13.69 -6.75
CA GLY A 14 20.72 12.47 -6.37
C GLY A 14 20.00 11.21 -6.80
N THR A 15 20.40 10.09 -6.19
CA THR A 15 19.82 8.80 -6.50
C THR A 15 19.44 8.06 -5.25
N ILE A 16 18.24 7.48 -5.25
CA ILE A 16 17.76 6.69 -4.13
C ILE A 16 17.50 5.28 -4.61
N ASN A 17 18.07 4.28 -3.91
CA ASN A 17 17.80 2.88 -4.27
C ASN A 17 16.62 2.56 -3.37
N LEU A 18 15.46 2.38 -4.00
CA LEU A 18 14.24 2.17 -3.23
C LEU A 18 14.13 0.97 -2.34
N PRO A 19 13.36 1.12 -1.24
CA PRO A 19 13.17 0.00 -0.33
C PRO A 19 12.14 -0.87 -1.11
N GLY A 20 12.00 -2.13 -0.73
CA GLY A 20 11.06 -3.00 -1.43
C GLY A 20 9.60 -2.58 -1.35
N SER A 21 8.82 -2.99 -2.34
CA SER A 21 7.40 -2.67 -2.38
C SER A 21 6.65 -3.40 -1.28
N LYS A 22 5.88 -2.67 -0.48
CA LYS A 22 5.10 -3.30 0.59
C LYS A 22 4.01 -4.19 -0.02
N SER A 23 3.38 -3.71 -1.08
CA SER A 23 2.29 -4.45 -1.73
C SER A 23 2.80 -5.76 -2.29
N VAL A 24 3.93 -5.72 -2.99
CA VAL A 24 4.49 -6.95 -3.56
C VAL A 24 5.03 -7.85 -2.45
N SER A 25 5.71 -7.26 -1.46
CA SER A 25 6.29 -8.03 -0.37
C SER A 25 5.30 -8.89 0.39
N ASN A 26 4.18 -8.31 0.82
CA ASN A 26 3.24 -9.11 1.58
C ASN A 26 2.50 -10.15 0.74
N ARG A 27 2.28 -9.87 -0.54
CA ARG A 27 1.64 -10.87 -1.40
C ARG A 27 2.65 -12.01 -1.64
N ALA A 28 3.91 -11.65 -1.90
CA ALA A 28 4.92 -12.66 -2.17
C ALA A 28 5.16 -13.55 -0.96
N LEU A 29 5.12 -12.97 0.24
CA LEU A 29 5.31 -13.79 1.44
C LEU A 29 4.18 -14.77 1.66
N LEU A 30 2.94 -14.32 1.49
CA LEU A 30 1.80 -15.21 1.66
C LEU A 30 1.80 -16.31 0.60
N LEU A 31 2.03 -15.95 -0.67
CA LEU A 31 2.03 -16.96 -1.72
C LEU A 31 3.19 -17.94 -1.53
N ALA A 32 4.35 -17.42 -1.11
CA ALA A 32 5.51 -18.28 -0.87
C ALA A 32 5.21 -19.26 0.25
N ALA A 33 4.45 -18.82 1.23
CA ALA A 33 4.08 -19.65 2.39
C ALA A 33 3.11 -20.77 1.97
N LEU A 34 2.18 -20.45 1.08
CA LEU A 34 1.20 -21.42 0.62
C LEU A 34 1.78 -22.38 -0.42
N ALA A 35 2.81 -21.93 -1.12
CA ALA A 35 3.41 -22.73 -2.22
C ALA A 35 4.24 -23.94 -1.81
N HIS A 36 4.52 -24.76 -2.81
CA HIS A 36 5.35 -25.95 -2.66
C HIS A 36 6.75 -25.51 -3.06
N GLY A 37 7.75 -25.87 -2.28
CA GLY A 37 9.12 -25.49 -2.62
C GLY A 37 9.64 -24.31 -1.81
N LYS A 38 10.92 -24.03 -1.96
CA LYS A 38 11.55 -22.93 -1.25
C LYS A 38 11.62 -21.71 -2.15
N THR A 39 11.10 -20.59 -1.66
CA THR A 39 11.12 -19.35 -2.41
C THR A 39 12.17 -18.45 -1.78
N VAL A 40 13.00 -17.82 -2.59
CA VAL A 40 13.99 -16.90 -2.05
C VAL A 40 13.53 -15.52 -2.54
N LEU A 41 13.13 -14.65 -1.62
CA LEU A 41 12.71 -13.30 -1.98
C LEU A 41 13.87 -12.36 -1.73
N THR A 42 14.18 -11.50 -2.70
CA THR A 42 15.24 -10.53 -2.53
C THR A 42 14.61 -9.15 -2.69
N ASN A 43 15.23 -8.17 -2.05
CA ASN A 43 14.77 -6.79 -2.03
C ASN A 43 13.43 -6.70 -1.31
N LEU A 44 13.21 -7.64 -0.40
CA LEU A 44 11.98 -7.65 0.39
C LEU A 44 12.01 -6.41 1.30
N LEU A 45 10.85 -5.79 1.52
CA LEU A 45 10.80 -4.62 2.40
C LEU A 45 10.88 -5.00 3.88
N ASP A 46 11.67 -4.25 4.65
CA ASP A 46 11.70 -4.44 6.10
C ASP A 46 10.94 -3.22 6.64
N SER A 47 9.72 -3.43 7.13
CA SER A 47 8.91 -2.34 7.69
C SER A 47 7.85 -2.99 8.59
N ASP A 48 7.10 -2.17 9.33
CA ASP A 48 6.10 -2.74 10.24
C ASP A 48 5.12 -3.67 9.54
N ASP A 49 4.57 -3.25 8.40
CA ASP A 49 3.59 -4.09 7.71
C ASP A 49 4.13 -5.45 7.30
N VAL A 50 5.38 -5.49 6.87
CA VAL A 50 5.96 -6.77 6.46
C VAL A 50 6.30 -7.58 7.70
N ARG A 51 6.80 -6.91 8.74
CA ARG A 51 7.12 -7.60 9.98
C ARG A 51 5.89 -8.28 10.59
N HIS A 52 4.72 -7.67 10.48
CA HIS A 52 3.51 -8.31 11.03
C HIS A 52 3.14 -9.56 10.24
N MET A 53 3.35 -9.52 8.92
CA MET A 53 3.08 -10.67 8.07
C MET A 53 4.10 -11.77 8.42
N LEU A 54 5.37 -11.42 8.56
CA LEU A 54 6.38 -12.43 8.91
C LEU A 54 6.06 -13.06 10.26
N ASN A 55 5.61 -12.24 11.21
CA ASN A 55 5.26 -12.75 12.54
C ASN A 55 4.06 -13.69 12.46
N ALA A 56 3.12 -13.37 11.58
CA ALA A 56 1.92 -14.19 11.42
C ALA A 56 2.33 -15.53 10.83
N LEU A 57 3.24 -15.50 9.87
CA LEU A 57 3.69 -16.74 9.27
C LEU A 57 4.41 -17.58 10.30
N THR A 58 5.26 -16.94 11.11
CA THR A 58 5.95 -17.69 12.16
C THR A 58 4.94 -18.35 13.09
N ALA A 59 3.92 -17.59 13.48
CA ALA A 59 2.90 -18.11 14.39
C ALA A 59 2.12 -19.27 13.75
N LEU A 60 1.98 -19.24 12.42
CA LEU A 60 1.25 -20.30 11.73
C LEU A 60 2.14 -21.50 11.46
N GLY A 61 3.37 -21.45 11.93
CA GLY A 61 4.27 -22.58 11.75
C GLY A 61 5.10 -22.61 10.50
N VAL A 62 5.15 -21.50 9.76
CA VAL A 62 5.95 -21.48 8.53
C VAL A 62 7.41 -21.20 8.86
N SER A 63 8.33 -21.94 8.24
CA SER A 63 9.76 -21.74 8.47
C SER A 63 10.41 -20.84 7.42
N TYR A 64 11.22 -19.91 7.86
CA TYR A 64 11.91 -19.02 6.93
C TYR A 64 13.11 -18.42 7.62
N THR A 65 14.04 -17.90 6.84
CA THR A 65 15.21 -17.24 7.43
C THR A 65 15.33 -15.90 6.75
N LEU A 66 15.86 -14.92 7.47
CA LEU A 66 16.04 -13.57 6.93
C LEU A 66 17.51 -13.19 6.96
N SER A 67 17.94 -12.42 5.97
CA SER A 67 19.33 -11.96 5.94
C SER A 67 19.49 -10.92 7.06
N ALA A 68 20.71 -10.44 7.24
CA ALA A 68 20.99 -9.47 8.30
C ALA A 68 20.17 -8.19 8.15
N ASP A 69 19.97 -7.72 6.93
CA ASP A 69 19.20 -6.48 6.74
C ASP A 69 17.72 -6.72 6.49
N ARG A 70 17.32 -7.98 6.68
CA ARG A 70 15.95 -8.43 6.50
C ARG A 70 15.35 -8.18 5.12
N THR A 71 16.20 -8.06 4.09
CA THR A 71 15.69 -7.85 2.73
C THR A 71 15.77 -9.14 1.89
N ARG A 72 16.41 -10.18 2.43
CA ARG A 72 16.48 -11.45 1.72
C ARG A 72 15.80 -12.45 2.62
N CYS A 73 14.84 -13.17 2.07
CA CYS A 73 14.08 -14.14 2.87
C CYS A 73 13.96 -15.46 2.13
N GLU A 74 14.33 -16.55 2.79
CA GLU A 74 14.22 -17.89 2.22
C GLU A 74 13.05 -18.52 2.94
N ILE A 75 11.96 -18.72 2.22
CA ILE A 75 10.75 -19.28 2.79
C ILE A 75 10.55 -20.72 2.40
N ILE A 76 10.29 -21.58 3.39
CA ILE A 76 10.00 -22.99 3.13
C ILE A 76 8.49 -23.09 2.93
N GLY A 77 8.06 -23.29 1.69
CA GLY A 77 6.64 -23.37 1.39
C GLY A 77 5.91 -24.47 2.14
N ASN A 78 4.69 -24.17 2.57
CA ASN A 78 3.90 -25.13 3.31
C ASN A 78 3.27 -26.19 2.40
N GLY A 79 3.22 -25.93 1.09
CA GLY A 79 2.61 -26.88 0.18
C GLY A 79 1.12 -26.96 0.40
N GLY A 80 0.47 -25.83 0.64
CA GLY A 80 -0.98 -25.87 0.83
C GLY A 80 -1.45 -24.87 1.88
N PRO A 81 -2.77 -24.75 2.08
CA PRO A 81 -3.36 -23.83 3.05
C PRO A 81 -2.67 -23.89 4.40
N LEU A 82 -2.56 -22.73 5.05
CA LEU A 82 -1.91 -22.66 6.36
C LEU A 82 -2.93 -23.04 7.43
N HIS A 83 -2.47 -23.55 8.56
CA HIS A 83 -3.43 -23.97 9.58
C HIS A 83 -3.00 -23.74 11.03
N ALA A 84 -3.98 -23.42 11.86
CA ALA A 84 -3.76 -23.24 13.30
C ALA A 84 -5.11 -23.33 13.98
N GLU A 85 -5.12 -23.72 15.25
CA GLU A 85 -6.37 -23.84 15.98
C GLU A 85 -6.25 -23.16 17.32
N GLY A 86 -7.25 -23.37 18.18
CA GLY A 86 -7.24 -22.79 19.51
C GLY A 86 -7.45 -21.29 19.50
N ALA A 87 -8.12 -20.77 18.46
CA ALA A 87 -8.37 -19.34 18.35
C ALA A 87 -7.07 -18.56 18.46
N LEU A 88 -6.02 -19.10 17.85
CA LEU A 88 -4.70 -18.47 17.86
C LEU A 88 -4.85 -17.03 17.41
N GLU A 89 -4.30 -16.09 18.17
CA GLU A 89 -4.43 -14.70 17.78
C GLU A 89 -3.24 -14.20 16.99
N LEU A 90 -3.53 -13.64 15.82
CA LEU A 90 -2.50 -13.07 14.97
C LEU A 90 -2.71 -11.56 15.05
N PHE A 91 -1.68 -10.85 15.52
CA PHE A 91 -1.74 -9.39 15.64
C PHE A 91 -1.16 -8.81 14.36
N LEU A 92 -1.97 -8.03 13.65
CA LEU A 92 -1.53 -7.51 12.35
C LEU A 92 -1.30 -6.00 12.28
N GLY A 93 -1.07 -5.38 13.43
CA GLY A 93 -0.83 -3.93 13.46
C GLY A 93 -1.89 -3.17 12.70
N ASN A 94 -1.48 -2.41 11.70
CA ASN A 94 -2.50 -1.71 10.90
C ASN A 94 -2.20 -2.05 9.45
N ALA A 95 -1.76 -3.29 9.23
CA ALA A 95 -1.38 -3.78 7.90
C ALA A 95 -2.60 -4.27 7.14
N GLY A 96 -3.19 -3.40 6.33
CA GLY A 96 -4.38 -3.79 5.59
C GLY A 96 -4.24 -5.00 4.67
N ILE A 97 -3.23 -5.01 3.82
CA ILE A 97 -3.10 -6.14 2.91
C ILE A 97 -2.90 -7.45 3.69
N ALA A 98 -2.20 -7.41 4.81
CA ALA A 98 -2.02 -8.63 5.61
C ALA A 98 -3.37 -9.05 6.21
N MET A 99 -4.08 -8.09 6.81
CA MET A 99 -5.38 -8.41 7.41
C MET A 99 -6.36 -8.94 6.36
N ARG A 100 -6.51 -8.22 5.25
CA ARG A 100 -7.46 -8.68 4.24
C ARG A 100 -7.06 -10.03 3.60
N SER A 101 -5.81 -10.15 3.16
CA SER A 101 -5.36 -11.38 2.51
C SER A 101 -5.41 -12.61 3.43
N LEU A 102 -5.02 -12.45 4.70
CA LEU A 102 -5.07 -13.56 5.62
C LEU A 102 -6.50 -13.90 6.02
N ALA A 103 -7.38 -12.89 6.08
CA ALA A 103 -8.76 -13.15 6.44
C ALA A 103 -9.37 -14.12 5.44
N ALA A 104 -9.01 -13.95 4.17
CA ALA A 104 -9.52 -14.86 3.14
C ALA A 104 -8.75 -16.19 3.13
N ALA A 105 -7.42 -16.11 3.09
CA ALA A 105 -6.62 -17.34 2.99
C ALA A 105 -6.86 -18.33 4.12
N LEU A 106 -6.98 -17.82 5.34
CA LEU A 106 -7.16 -18.70 6.49
C LEU A 106 -8.58 -19.28 6.59
N CYS A 107 -9.43 -18.99 5.60
CA CYS A 107 -10.78 -19.57 5.55
C CYS A 107 -10.74 -20.92 4.83
N LEU A 108 -9.57 -21.30 4.31
CA LEU A 108 -9.44 -22.57 3.59
C LEU A 108 -9.34 -23.73 4.58
N GLY A 109 -10.17 -24.74 4.38
CA GLY A 109 -10.18 -25.91 5.26
C GLY A 109 -10.81 -25.60 6.60
N SER A 110 -10.27 -26.18 7.66
CA SER A 110 -10.77 -25.91 8.99
C SER A 110 -9.66 -25.10 9.65
N ASN A 111 -10.03 -24.30 10.62
CA ASN A 111 -9.08 -23.48 11.35
C ASN A 111 -9.88 -22.82 12.44
N ASP A 112 -9.17 -22.22 13.38
CA ASP A 112 -9.80 -21.46 14.47
C ASP A 112 -8.73 -20.46 14.81
N ILE A 113 -8.83 -19.31 14.14
CA ILE A 113 -7.84 -18.28 14.25
C ILE A 113 -8.51 -16.93 14.38
N VAL A 114 -7.92 -16.07 15.20
CA VAL A 114 -8.45 -14.72 15.40
C VAL A 114 -7.47 -13.70 14.81
N LEU A 115 -7.97 -12.81 13.97
CA LEU A 115 -7.13 -11.77 13.41
C LEU A 115 -7.51 -10.46 14.08
N THR A 116 -6.52 -9.72 14.55
CA THR A 116 -6.77 -8.45 15.18
C THR A 116 -5.61 -7.50 14.85
N GLY A 117 -5.63 -6.30 15.44
CA GLY A 117 -4.57 -5.36 15.18
C GLY A 117 -4.68 -4.17 16.11
N GLU A 118 -4.08 -3.07 15.70
CA GLU A 118 -4.09 -1.84 16.47
C GLU A 118 -5.49 -1.25 16.51
N PRO A 119 -5.74 -0.33 17.45
CA PRO A 119 -7.09 0.26 17.52
C PRO A 119 -7.65 0.74 16.17
N ARG A 120 -6.82 1.42 15.36
CA ARG A 120 -7.31 1.92 14.07
C ARG A 120 -7.73 0.79 13.14
N MET A 121 -7.03 -0.35 13.20
CA MET A 121 -7.40 -1.46 12.33
C MET A 121 -8.81 -1.94 12.65
N LYS A 122 -9.25 -1.79 13.91
CA LYS A 122 -10.60 -2.22 14.30
C LYS A 122 -11.67 -1.24 13.79
N GLU A 123 -11.21 -0.19 13.12
CA GLU A 123 -12.08 0.82 12.54
C GLU A 123 -12.01 0.81 11.02
N ARG A 124 -11.22 -0.09 10.44
CA ARG A 124 -11.09 -0.18 8.98
C ARG A 124 -12.00 -1.32 8.52
N PRO A 125 -12.89 -1.02 7.57
CA PRO A 125 -13.87 -1.98 7.05
C PRO A 125 -13.38 -3.26 6.42
N ILE A 126 -14.12 -4.33 6.68
CA ILE A 126 -13.80 -5.63 6.10
C ILE A 126 -15.08 -6.42 5.80
N GLY A 127 -16.24 -5.80 6.06
CA GLY A 127 -17.50 -6.48 5.80
C GLY A 127 -17.72 -6.98 4.39
N HIS A 128 -17.29 -6.22 3.38
CA HIS A 128 -17.49 -6.65 1.98
C HIS A 128 -16.74 -7.95 1.72
N LEU A 129 -15.58 -8.11 2.35
CA LEU A 129 -14.82 -9.35 2.18
C LEU A 129 -15.48 -10.48 2.96
N VAL A 130 -15.89 -10.21 4.19
CA VAL A 130 -16.54 -11.25 4.98
C VAL A 130 -17.80 -11.72 4.27
N ASP A 131 -18.57 -10.78 3.70
CA ASP A 131 -19.81 -11.16 2.99
C ASP A 131 -19.46 -12.14 1.86
N ALA A 132 -18.43 -11.82 1.08
CA ALA A 132 -18.00 -12.67 -0.04
C ALA A 132 -17.53 -14.06 0.42
N LEU A 133 -16.67 -14.10 1.45
CA LEU A 133 -16.15 -15.36 1.97
C LEU A 133 -17.29 -16.24 2.50
N ARG A 134 -18.28 -15.63 3.15
CA ARG A 134 -19.43 -16.40 3.64
C ARG A 134 -20.25 -16.96 2.48
N LEU A 135 -20.40 -16.21 1.38
CA LEU A 135 -21.16 -16.76 0.25
C LEU A 135 -20.43 -18.00 -0.29
N GLY A 136 -19.12 -18.03 -0.10
CA GLY A 136 -18.32 -19.15 -0.54
C GLY A 136 -18.27 -20.28 0.46
N GLY A 137 -18.93 -20.09 1.61
CA GLY A 137 -18.97 -21.13 2.63
C GLY A 137 -18.22 -20.91 3.93
N ALA A 138 -17.44 -19.84 4.03
CA ALA A 138 -16.67 -19.61 5.25
C ALA A 138 -17.49 -19.26 6.48
N LYS A 139 -17.00 -19.68 7.64
CA LYS A 139 -17.64 -19.33 8.91
C LYS A 139 -16.74 -18.24 9.48
N ILE A 140 -17.31 -17.06 9.69
CA ILE A 140 -16.57 -15.91 10.21
C ILE A 140 -17.41 -15.18 11.24
N THR A 141 -16.78 -14.83 12.36
CA THR A 141 -17.45 -14.14 13.44
C THR A 141 -16.78 -12.82 13.78
N TYR A 142 -17.57 -11.74 13.88
CA TYR A 142 -17.04 -10.43 14.26
C TYR A 142 -17.03 -10.47 15.78
N LEU A 143 -15.85 -10.28 16.36
CA LEU A 143 -15.72 -10.32 17.82
C LEU A 143 -16.05 -8.99 18.49
N GLU A 144 -16.06 -7.92 17.72
CA GLU A 144 -16.41 -6.62 18.28
C GLU A 144 -17.45 -5.96 17.40
N GLN A 145 -17.06 -4.91 16.69
CA GLN A 145 -18.00 -4.20 15.85
C GLN A 145 -18.26 -4.97 14.56
N GLU A 146 -19.54 -5.11 14.20
CA GLU A 146 -19.92 -5.79 12.97
C GLU A 146 -19.31 -5.03 11.79
N ASN A 147 -18.75 -5.79 10.85
CA ASN A 147 -18.11 -5.29 9.63
C ASN A 147 -16.65 -4.84 9.77
N TYR A 148 -16.07 -5.09 10.94
CA TYR A 148 -14.69 -4.73 11.23
C TYR A 148 -13.93 -5.79 11.99
N PRO A 149 -12.57 -5.74 11.91
CA PRO A 149 -11.76 -6.71 12.67
C PRO A 149 -12.07 -6.29 14.10
N PRO A 150 -11.80 -7.15 15.09
CA PRO A 150 -11.22 -8.50 14.94
C PRO A 150 -12.22 -9.55 14.46
N LEU A 151 -11.68 -10.57 13.79
CA LEU A 151 -12.47 -11.66 13.24
C LEU A 151 -11.99 -12.96 13.80
N ARG A 152 -12.93 -13.88 13.97
CA ARG A 152 -12.60 -15.24 14.38
C ARG A 152 -12.95 -16.08 13.15
N LEU A 153 -11.94 -16.72 12.58
CA LEU A 153 -12.08 -17.51 11.35
C LEU A 153 -12.16 -18.97 11.68
N GLN A 154 -13.24 -19.63 11.25
CA GLN A 154 -13.34 -21.05 11.52
C GLN A 154 -13.41 -21.91 10.29
N GLY A 155 -12.95 -21.35 9.16
CA GLY A 155 -12.89 -22.09 7.91
C GLY A 155 -14.15 -22.36 7.14
N GLY A 156 -14.02 -23.22 6.12
CA GLY A 156 -15.16 -23.60 5.31
C GLY A 156 -15.32 -22.98 3.93
N PHE A 157 -14.38 -22.16 3.48
CA PHE A 157 -14.53 -21.58 2.14
C PHE A 157 -14.25 -22.70 1.14
N THR A 158 -15.26 -23.08 0.35
CA THR A 158 -15.09 -24.15 -0.62
C THR A 158 -15.11 -23.67 -2.08
N GLY A 159 -15.64 -22.47 -2.31
CA GLY A 159 -15.73 -21.93 -3.65
C GLY A 159 -17.17 -21.64 -4.05
N GLY A 160 -17.46 -21.66 -5.35
CA GLY A 160 -18.83 -21.41 -5.78
C GLY A 160 -19.02 -20.01 -6.34
N ASN A 161 -20.26 -19.56 -6.40
CA ASN A 161 -20.53 -18.22 -6.91
C ASN A 161 -20.44 -17.25 -5.75
N VAL A 162 -19.53 -16.28 -5.89
CA VAL A 162 -19.28 -15.31 -4.83
C VAL A 162 -19.35 -13.89 -5.38
N ASP A 163 -20.20 -13.05 -4.79
CA ASP A 163 -20.27 -11.66 -5.22
C ASP A 163 -19.40 -10.91 -4.24
N VAL A 164 -18.74 -9.86 -4.72
CA VAL A 164 -17.96 -9.03 -3.82
C VAL A 164 -18.10 -7.58 -4.25
N ASP A 165 -18.23 -6.70 -3.25
CA ASP A 165 -18.35 -5.27 -3.48
C ASP A 165 -16.93 -4.73 -3.68
N GLY A 166 -16.69 -4.00 -4.77
CA GLY A 166 -15.35 -3.48 -4.99
C GLY A 166 -15.28 -1.97 -4.85
N SER A 167 -16.35 -1.36 -4.35
CA SER A 167 -16.45 0.09 -4.25
C SER A 167 -15.70 0.76 -3.12
N VAL A 168 -15.32 -0.01 -2.10
CA VAL A 168 -14.59 0.58 -0.97
C VAL A 168 -13.12 0.19 -0.98
N SER A 169 -12.83 -1.08 -1.27
CA SER A 169 -11.43 -1.51 -1.31
C SER A 169 -11.16 -2.61 -2.31
N SER A 170 -10.08 -2.49 -3.05
CA SER A 170 -9.73 -3.52 -4.00
C SER A 170 -9.13 -4.70 -3.22
N GLN A 171 -8.70 -4.47 -1.97
CA GLN A 171 -8.10 -5.54 -1.20
C GLN A 171 -9.02 -6.72 -0.95
N PHE A 172 -10.32 -6.49 -0.94
CA PHE A 172 -11.24 -7.60 -0.72
C PHE A 172 -11.16 -8.56 -1.91
N LEU A 173 -11.19 -8.01 -3.12
CA LEU A 173 -11.09 -8.84 -4.32
C LEU A 173 -9.72 -9.52 -4.39
N THR A 174 -8.68 -8.77 -4.07
CA THR A 174 -7.34 -9.32 -4.07
C THR A 174 -7.27 -10.54 -3.15
N ALA A 175 -7.85 -10.39 -1.96
CA ALA A 175 -7.84 -11.48 -1.00
C ALA A 175 -8.55 -12.69 -1.56
N LEU A 176 -9.69 -12.48 -2.18
CA LEU A 176 -10.45 -13.59 -2.78
C LEU A 176 -9.69 -14.24 -3.92
N LEU A 177 -9.09 -13.43 -4.77
CA LEU A 177 -8.34 -13.96 -5.90
C LEU A 177 -7.18 -14.88 -5.49
N MET A 178 -6.42 -14.50 -4.47
CA MET A 178 -5.31 -15.35 -4.03
C MET A 178 -5.76 -16.63 -3.34
N THR A 179 -6.91 -16.56 -2.67
CA THR A 179 -7.44 -17.70 -1.95
C THR A 179 -8.17 -18.73 -2.80
N ALA A 180 -9.00 -18.24 -3.73
CA ALA A 180 -9.85 -19.12 -4.54
C ALA A 180 -9.21 -20.31 -5.27
N PRO A 181 -7.98 -20.14 -5.81
CA PRO A 181 -7.35 -21.26 -6.51
C PRO A 181 -7.14 -22.51 -5.65
N LEU A 182 -6.97 -22.33 -4.34
CA LEU A 182 -6.73 -23.45 -3.44
C LEU A 182 -8.01 -24.05 -2.90
N ALA A 183 -9.15 -23.45 -3.21
CA ALA A 183 -10.43 -23.96 -2.74
C ALA A 183 -10.72 -25.22 -3.56
N PRO A 184 -11.44 -26.19 -2.98
CA PRO A 184 -11.75 -27.43 -3.71
C PRO A 184 -12.64 -27.27 -4.94
N GLU A 185 -13.59 -26.35 -4.87
CA GLU A 185 -14.50 -26.12 -5.99
C GLU A 185 -14.11 -24.89 -6.78
N ASP A 186 -14.60 -24.81 -8.03
CA ASP A 186 -14.35 -23.65 -8.87
C ASP A 186 -15.11 -22.46 -8.28
N THR A 187 -14.59 -21.26 -8.50
CA THR A 187 -15.21 -20.04 -7.96
C THR A 187 -15.41 -19.01 -9.06
N VAL A 188 -16.56 -18.34 -9.03
CA VAL A 188 -16.83 -17.28 -10.00
C VAL A 188 -17.05 -16.06 -9.10
N ILE A 189 -16.13 -15.11 -9.19
CA ILE A 189 -16.22 -13.88 -8.38
C ILE A 189 -16.83 -12.80 -9.25
N ARG A 190 -17.97 -12.28 -8.82
CA ARG A 190 -18.68 -11.25 -9.57
C ARG A 190 -18.58 -9.94 -8.82
N ILE A 191 -18.08 -8.90 -9.48
CA ILE A 191 -17.97 -7.58 -8.82
C ILE A 191 -19.36 -6.94 -8.87
N LYS A 192 -19.86 -6.49 -7.72
CA LYS A 192 -21.20 -5.93 -7.66
C LYS A 192 -21.42 -4.71 -8.52
N GLY A 193 -20.46 -3.79 -8.45
CA GLY A 193 -20.57 -2.57 -9.21
C GLY A 193 -19.23 -1.97 -9.54
N ASP A 194 -18.94 -0.81 -8.97
CA ASP A 194 -17.67 -0.11 -9.22
C ASP A 194 -16.49 -0.83 -8.56
N LEU A 195 -15.31 -0.65 -9.13
CA LEU A 195 -14.10 -1.25 -8.57
C LEU A 195 -13.08 -0.14 -8.40
N VAL A 196 -12.70 0.15 -7.16
CA VAL A 196 -11.70 1.19 -6.92
C VAL A 196 -10.31 0.58 -6.85
N SER A 197 -9.30 1.44 -6.95
CA SER A 197 -7.90 1.02 -6.88
C SER A 197 -7.61 -0.16 -7.78
N LYS A 198 -8.17 -0.11 -8.97
CA LYS A 198 -8.01 -1.20 -9.91
C LYS A 198 -6.59 -1.71 -10.19
N PRO A 199 -5.59 -0.82 -10.28
CA PRO A 199 -4.22 -1.28 -10.56
C PRO A 199 -3.67 -2.30 -9.58
N TYR A 200 -4.17 -2.30 -8.35
CA TYR A 200 -3.67 -3.25 -7.36
C TYR A 200 -4.14 -4.66 -7.71
N ILE A 201 -5.24 -4.76 -8.44
CA ILE A 201 -5.72 -6.09 -8.84
C ILE A 201 -4.71 -6.67 -9.83
N ASP A 202 -4.11 -5.81 -10.65
CA ASP A 202 -3.12 -6.28 -11.61
C ASP A 202 -1.88 -6.77 -10.86
N ILE A 203 -1.55 -6.13 -9.76
CA ILE A 203 -0.40 -6.58 -8.99
C ILE A 203 -0.69 -7.99 -8.48
N THR A 204 -1.89 -8.20 -7.97
CA THR A 204 -2.27 -9.51 -7.44
C THR A 204 -2.20 -10.61 -8.49
N LEU A 205 -2.77 -10.36 -9.65
CA LEU A 205 -2.77 -11.36 -10.72
C LEU A 205 -1.36 -11.64 -11.20
N ASN A 206 -0.51 -10.61 -11.20
CA ASN A 206 0.87 -10.75 -11.62
C ASN A 206 1.57 -11.69 -10.65
N LEU A 207 1.47 -11.42 -9.35
CA LEU A 207 2.08 -12.29 -8.34
C LEU A 207 1.56 -13.73 -8.41
N MET A 208 0.24 -13.89 -8.55
CA MET A 208 -0.34 -15.24 -8.64
C MET A 208 0.28 -16.00 -9.82
N LYS A 209 0.39 -15.34 -10.96
CA LYS A 209 0.99 -16.01 -12.11
C LYS A 209 2.45 -16.40 -11.85
N THR A 210 3.19 -15.55 -11.14
CA THR A 210 4.57 -15.86 -10.82
C THR A 210 4.64 -17.14 -9.99
N PHE A 211 3.63 -17.32 -9.14
CA PHE A 211 3.56 -18.48 -8.28
C PHE A 211 2.77 -19.62 -8.92
N GLY A 212 2.63 -19.55 -10.24
CA GLY A 212 2.00 -20.62 -11.00
C GLY A 212 0.51 -20.71 -11.20
N VAL A 213 -0.22 -19.63 -10.97
CA VAL A 213 -1.66 -19.70 -11.12
C VAL A 213 -2.22 -18.56 -11.95
N GLU A 214 -3.12 -18.91 -12.86
CA GLU A 214 -3.78 -17.95 -13.71
C GLU A 214 -5.28 -18.17 -13.58
N ILE A 215 -6.03 -17.11 -13.84
CA ILE A 215 -7.48 -17.16 -13.76
C ILE A 215 -8.06 -16.42 -14.94
N GLU A 216 -9.37 -16.52 -15.14
CA GLU A 216 -9.98 -15.83 -16.26
C GLU A 216 -10.57 -14.51 -15.80
N ASN A 217 -9.96 -13.43 -16.26
CA ASN A 217 -10.43 -12.10 -15.92
C ASN A 217 -11.37 -11.63 -17.03
N GLN A 218 -12.65 -11.41 -16.70
CA GLN A 218 -13.60 -10.94 -17.69
C GLN A 218 -13.86 -9.45 -17.47
N HIS A 219 -13.00 -8.61 -18.05
CA HIS A 219 -13.11 -7.15 -17.95
C HIS A 219 -13.26 -6.61 -16.53
N TYR A 220 -12.62 -7.28 -15.58
CA TYR A 220 -12.65 -6.89 -14.15
C TYR A 220 -14.05 -6.84 -13.56
N GLN A 221 -15.00 -7.48 -14.22
CA GLN A 221 -16.40 -7.50 -13.74
C GLN A 221 -16.70 -8.85 -13.13
N GLN A 222 -15.98 -9.85 -13.59
CA GLN A 222 -16.14 -11.20 -13.12
C GLN A 222 -14.85 -11.96 -13.35
N PHE A 223 -14.45 -12.76 -12.36
CA PHE A 223 -13.23 -13.54 -12.44
C PHE A 223 -13.57 -14.99 -12.24
N VAL A 224 -13.16 -15.84 -13.19
CA VAL A 224 -13.43 -17.27 -13.12
C VAL A 224 -12.18 -18.01 -12.67
N VAL A 225 -12.29 -18.68 -11.53
CA VAL A 225 -11.19 -19.40 -10.94
C VAL A 225 -11.40 -20.91 -10.86
N LYS A 226 -10.40 -21.67 -11.29
CA LYS A 226 -10.49 -23.13 -11.21
C LYS A 226 -9.96 -23.51 -9.82
N GLY A 227 -10.71 -24.32 -9.10
CA GLY A 227 -10.26 -24.73 -7.79
C GLY A 227 -9.27 -25.90 -7.88
N GLY A 228 -8.81 -26.38 -6.73
CA GLY A 228 -7.88 -27.50 -6.68
C GLY A 228 -6.51 -27.27 -7.27
N GLN A 229 -6.09 -26.00 -7.30
CA GLN A 229 -4.78 -25.67 -7.82
C GLN A 229 -3.78 -25.62 -6.68
N SER A 230 -2.52 -25.41 -7.03
CA SER A 230 -1.46 -25.33 -6.04
C SER A 230 -0.49 -24.24 -6.48
N TYR A 231 0.01 -23.47 -5.52
CA TYR A 231 1.02 -22.46 -5.84
C TYR A 231 2.36 -23.15 -5.83
N GLN A 232 3.24 -22.72 -6.71
CA GLN A 232 4.58 -23.30 -6.84
C GLN A 232 5.67 -22.25 -6.70
N SER A 233 6.71 -22.56 -5.96
CA SER A 233 7.79 -21.61 -5.78
C SER A 233 8.41 -21.19 -7.12
N PRO A 234 8.68 -19.89 -7.29
CA PRO A 234 9.29 -19.42 -8.54
C PRO A 234 10.82 -19.44 -8.43
N GLY A 235 11.32 -19.98 -7.32
CA GLY A 235 12.76 -20.03 -7.11
C GLY A 235 13.17 -18.74 -6.44
N THR A 236 13.98 -17.93 -7.13
CA THR A 236 14.44 -16.65 -6.60
C THR A 236 13.56 -15.60 -7.25
N TYR A 237 13.02 -14.70 -6.44
CA TYR A 237 12.11 -13.69 -6.95
C TYR A 237 12.55 -12.32 -6.44
N LEU A 238 12.64 -11.36 -7.35
CA LEU A 238 13.06 -10.00 -7.00
C LEU A 238 11.87 -9.08 -6.77
N VAL A 239 11.73 -8.60 -5.54
CA VAL A 239 10.67 -7.69 -5.18
C VAL A 239 11.00 -6.32 -5.75
N GLU A 240 10.07 -5.74 -6.50
CA GLU A 240 10.24 -4.41 -7.08
C GLU A 240 10.41 -3.36 -5.97
N GLY A 241 11.12 -2.27 -6.28
CA GLY A 241 11.25 -1.17 -5.32
C GLY A 241 9.85 -0.62 -5.14
N ASP A 242 9.59 0.06 -4.02
CA ASP A 242 8.24 0.59 -3.79
C ASP A 242 7.98 1.90 -4.54
N ALA A 243 7.04 1.87 -5.49
CA ALA A 243 6.69 3.06 -6.27
C ALA A 243 5.98 4.14 -5.45
N SER A 244 5.31 3.73 -4.37
CA SER A 244 4.62 4.71 -3.54
C SER A 244 5.68 5.46 -2.73
N SER A 245 6.63 4.72 -2.17
CA SER A 245 7.75 5.34 -1.44
C SER A 245 8.55 6.25 -2.39
N ALA A 246 8.63 5.90 -3.67
CA ALA A 246 9.38 6.72 -4.62
C ALA A 246 8.73 8.08 -4.85
N SER A 247 7.42 8.18 -4.63
CA SER A 247 6.73 9.43 -4.94
C SER A 247 7.30 10.65 -4.24
N TYR A 248 7.70 10.50 -2.98
CA TYR A 248 8.22 11.63 -2.23
C TYR A 248 9.45 12.21 -2.87
N PHE A 249 10.33 11.33 -3.32
CA PHE A 249 11.58 11.75 -3.94
C PHE A 249 11.41 12.35 -5.34
N LEU A 250 10.52 11.79 -6.14
CA LEU A 250 10.27 12.34 -7.46
C LEU A 250 9.58 13.71 -7.31
N ALA A 251 8.62 13.81 -6.38
CA ALA A 251 7.94 15.07 -6.15
C ALA A 251 8.96 16.11 -5.62
N ALA A 252 9.87 15.66 -4.76
CA ALA A 252 10.86 16.60 -4.23
C ALA A 252 11.63 17.26 -5.36
N ALA A 253 11.94 16.50 -6.41
CA ALA A 253 12.69 17.07 -7.53
C ALA A 253 11.81 17.99 -8.36
N ALA A 254 10.54 17.62 -8.50
CA ALA A 254 9.61 18.43 -9.24
C ALA A 254 9.46 19.80 -8.58
N ILE A 255 9.63 19.83 -7.25
CA ILE A 255 9.49 21.05 -6.48
C ILE A 255 10.80 21.84 -6.34
N LYS A 256 11.87 21.12 -6.04
CA LYS A 256 13.13 21.76 -5.74
C LYS A 256 14.37 21.15 -6.38
N GLY A 257 14.22 20.44 -7.49
CA GLY A 257 15.40 19.86 -8.13
C GLY A 257 16.06 20.84 -9.08
N GLY A 258 17.15 20.46 -9.74
CA GLY A 258 17.75 19.15 -9.56
C GLY A 258 17.07 17.98 -10.25
N THR A 259 17.75 16.85 -10.25
CA THR A 259 17.24 15.62 -10.82
C THR A 259 17.35 14.55 -9.74
N VAL A 260 16.26 13.85 -9.48
CA VAL A 260 16.32 12.77 -8.52
C VAL A 260 15.91 11.52 -9.27
N LYS A 261 16.76 10.51 -9.17
CA LYS A 261 16.53 9.23 -9.81
C LYS A 261 16.23 8.20 -8.74
N VAL A 262 15.19 7.40 -8.95
CA VAL A 262 14.89 6.35 -7.99
C VAL A 262 15.15 5.04 -8.73
N THR A 263 15.83 4.10 -8.08
CA THR A 263 16.11 2.83 -8.75
C THR A 263 15.33 1.69 -8.10
N GLY A 264 15.04 0.66 -8.88
CA GLY A 264 14.30 -0.46 -8.34
C GLY A 264 12.93 -0.56 -8.99
N ILE A 265 12.53 0.48 -9.71
CA ILE A 265 11.28 0.49 -10.47
C ILE A 265 11.61 1.14 -11.80
N GLY A 266 10.85 0.81 -12.83
CA GLY A 266 11.11 1.38 -14.13
C GLY A 266 9.85 1.28 -14.99
N ARG A 267 10.00 1.48 -16.28
CA ARG A 267 8.86 1.46 -17.19
C ARG A 267 8.06 0.15 -17.23
N ASN A 268 8.70 -0.94 -16.84
CA ASN A 268 8.09 -2.27 -16.86
C ASN A 268 7.44 -2.65 -15.53
N SER A 269 7.51 -1.78 -14.54
CA SER A 269 6.94 -2.11 -13.22
C SER A 269 5.45 -2.44 -13.22
N MET A 270 5.06 -3.36 -12.34
CA MET A 270 3.65 -3.78 -12.23
C MET A 270 2.84 -2.84 -11.32
N GLN A 271 3.53 -1.99 -10.57
CA GLN A 271 2.83 -1.07 -9.64
C GLN A 271 2.16 0.10 -10.32
N GLY A 272 0.91 0.32 -9.95
CA GLY A 272 0.17 1.42 -10.53
C GLY A 272 0.73 2.77 -10.13
N ASP A 273 1.44 2.83 -9.00
CA ASP A 273 1.94 4.12 -8.59
C ASP A 273 3.07 4.69 -9.42
N ILE A 274 3.58 3.93 -10.40
CA ILE A 274 4.60 4.56 -11.25
C ILE A 274 3.86 5.62 -12.09
N ARG A 275 2.53 5.54 -12.14
CA ARG A 275 1.78 6.52 -12.94
C ARG A 275 1.81 7.89 -12.24
N PHE A 276 2.35 7.92 -11.02
CA PHE A 276 2.48 9.17 -10.27
C PHE A 276 3.43 10.08 -11.08
N ALA A 277 4.41 9.47 -11.73
CA ALA A 277 5.36 10.23 -12.54
C ALA A 277 4.62 10.99 -13.65
N ASP A 278 3.56 10.36 -14.19
CA ASP A 278 2.73 10.98 -15.23
C ASP A 278 2.09 12.26 -14.71
N VAL A 279 1.66 12.25 -13.45
CA VAL A 279 1.03 13.44 -12.87
C VAL A 279 2.05 14.55 -12.74
N LEU A 280 3.25 14.22 -12.27
CA LEU A 280 4.28 15.26 -12.16
C LEU A 280 4.56 15.83 -13.55
N GLU A 281 4.55 14.97 -14.56
CA GLU A 281 4.81 15.44 -15.91
C GLU A 281 3.72 16.43 -16.34
N LYS A 282 2.47 16.11 -16.01
CA LYS A 282 1.36 16.98 -16.37
C LYS A 282 1.43 18.32 -15.62
N MET A 283 2.06 18.31 -14.46
CA MET A 283 2.22 19.53 -13.66
C MET A 283 3.38 20.38 -14.19
N GLY A 284 4.23 19.80 -15.05
CA GLY A 284 5.31 20.59 -15.61
C GLY A 284 6.71 20.07 -15.34
N ALA A 285 6.84 18.94 -14.63
CA ALA A 285 8.17 18.39 -14.40
C ALA A 285 8.59 17.54 -15.60
N THR A 286 9.87 17.23 -15.69
CA THR A 286 10.44 16.38 -16.76
C THR A 286 10.70 15.00 -16.17
N ILE A 287 10.27 13.94 -16.84
CA ILE A 287 10.44 12.59 -16.33
C ILE A 287 11.27 11.73 -17.29
N CYS A 288 12.19 10.94 -16.74
CA CYS A 288 12.98 10.02 -17.55
C CYS A 288 12.64 8.60 -17.11
N TRP A 289 12.46 7.72 -18.08
CA TRP A 289 12.12 6.33 -17.78
C TRP A 289 13.25 5.40 -18.18
N GLY A 290 13.56 4.46 -17.29
CA GLY A 290 14.60 3.50 -17.59
C GLY A 290 14.04 2.13 -17.30
N ASP A 291 14.87 1.12 -17.52
CA ASP A 291 14.45 -0.23 -17.26
C ASP A 291 14.38 -0.43 -15.75
N ASP A 292 15.35 0.13 -15.04
CA ASP A 292 15.35 -0.02 -13.60
C ASP A 292 15.43 1.32 -12.86
N TYR A 293 14.91 2.37 -13.48
CA TYR A 293 14.86 3.66 -12.80
C TYR A 293 13.81 4.58 -13.39
N ILE A 294 13.43 5.57 -12.59
CA ILE A 294 12.55 6.63 -13.05
C ILE A 294 13.22 7.85 -12.44
N SER A 295 13.33 8.94 -13.20
CA SER A 295 13.92 10.14 -12.65
C SER A 295 13.01 11.31 -12.93
N CYS A 296 13.13 12.34 -12.11
CA CYS A 296 12.33 13.53 -12.29
C CYS A 296 13.26 14.72 -12.21
N THR A 297 13.09 15.66 -13.14
CA THR A 297 13.92 16.86 -13.13
C THR A 297 13.02 18.07 -13.06
N ARG A 298 13.38 19.02 -12.21
CA ARG A 298 12.59 20.22 -12.05
C ARG A 298 12.32 20.91 -13.40
N GLY A 299 11.08 21.33 -13.60
CA GLY A 299 10.68 22.07 -14.79
C GLY A 299 9.88 23.21 -14.16
N GLU A 300 8.56 23.08 -14.20
CA GLU A 300 7.73 24.06 -13.54
C GLU A 300 6.68 23.25 -12.81
N LEU A 301 5.80 23.92 -12.07
CA LEU A 301 4.80 23.17 -11.31
C LEU A 301 3.48 23.90 -11.33
N ASN A 302 2.57 23.37 -12.13
CA ASN A 302 1.24 23.93 -12.28
C ASN A 302 0.20 23.05 -11.65
N ALA A 303 -0.84 23.67 -11.12
CA ALA A 303 -1.95 22.96 -10.50
C ALA A 303 -2.67 22.06 -11.50
N ILE A 304 -3.22 20.96 -11.00
CA ILE A 304 -3.96 20.03 -11.85
C ILE A 304 -5.28 19.71 -11.18
N ASP A 305 -6.19 19.17 -11.97
CA ASP A 305 -7.50 18.76 -11.49
C ASP A 305 -7.72 17.39 -12.11
N MET A 306 -7.55 16.34 -11.30
CA MET A 306 -7.79 15.03 -11.84
C MET A 306 -8.30 13.97 -10.89
N ASP A 307 -8.87 12.93 -11.51
CA ASP A 307 -9.41 11.78 -10.81
C ASP A 307 -8.17 10.98 -10.41
N MET A 308 -7.99 10.73 -9.10
CA MET A 308 -6.79 10.03 -8.63
C MET A 308 -7.08 8.62 -8.12
N ASN A 309 -8.24 8.08 -8.50
CA ASN A 309 -8.64 6.77 -8.01
C ASN A 309 -7.65 5.65 -8.34
N HIS A 310 -6.87 5.84 -9.39
CA HIS A 310 -5.88 4.83 -9.80
C HIS A 310 -4.55 4.86 -9.03
N ILE A 311 -4.32 5.91 -8.24
CA ILE A 311 -3.09 6.04 -7.45
C ILE A 311 -3.44 6.72 -6.11
N PRO A 312 -4.34 6.10 -5.33
CA PRO A 312 -4.73 6.71 -4.07
C PRO A 312 -3.64 7.04 -3.06
N ASP A 313 -2.61 6.21 -2.99
CA ASP A 313 -1.55 6.43 -2.02
C ASP A 313 -0.60 7.52 -2.47
N ALA A 314 -0.07 7.37 -3.67
CA ALA A 314 0.85 8.36 -4.20
C ALA A 314 0.14 9.72 -4.38
N ALA A 315 -1.18 9.69 -4.57
CA ALA A 315 -1.93 10.93 -4.74
C ALA A 315 -1.76 11.85 -3.53
N MET A 316 -1.54 11.29 -2.34
CA MET A 316 -1.36 12.16 -1.17
C MET A 316 -0.15 13.06 -1.38
N THR A 317 0.85 12.54 -2.08
CA THR A 317 2.05 13.33 -2.31
C THR A 317 1.73 14.55 -3.17
N ILE A 318 0.76 14.43 -4.07
CA ILE A 318 0.40 15.60 -4.88
C ILE A 318 -0.29 16.64 -3.99
N ALA A 319 -1.00 16.21 -2.93
CA ALA A 319 -1.66 17.20 -2.07
C ALA A 319 -0.65 18.18 -1.41
N THR A 320 0.51 17.69 -0.99
CA THR A 320 1.48 18.62 -0.41
C THR A 320 2.34 19.26 -1.51
N ALA A 321 2.58 18.54 -2.61
CA ALA A 321 3.31 19.16 -3.71
C ALA A 321 2.48 20.36 -4.23
N ALA A 322 1.16 20.27 -4.11
CA ALA A 322 0.25 21.35 -4.52
C ALA A 322 0.57 22.68 -3.85
N LEU A 323 1.19 22.63 -2.67
CA LEU A 323 1.53 23.87 -1.96
C LEU A 323 2.52 24.70 -2.76
N PHE A 324 3.26 24.04 -3.67
CA PHE A 324 4.28 24.71 -4.46
C PHE A 324 3.87 24.96 -5.90
N ALA A 325 2.64 24.59 -6.25
CA ALA A 325 2.17 24.72 -7.60
C ALA A 325 1.39 26.02 -7.83
N LYS A 326 1.35 26.44 -9.09
CA LYS A 326 0.62 27.66 -9.46
C LYS A 326 -0.83 27.30 -9.71
N GLY A 327 -1.71 27.89 -8.91
CA GLY A 327 -3.12 27.61 -9.10
C GLY A 327 -3.68 26.67 -8.06
N THR A 328 -4.96 26.34 -8.22
CA THR A 328 -5.66 25.47 -7.28
C THR A 328 -5.71 24.04 -7.81
N THR A 329 -5.26 23.11 -6.97
CA THR A 329 -5.23 21.70 -7.31
C THR A 329 -6.44 20.99 -6.73
N THR A 330 -7.04 20.12 -7.52
CA THR A 330 -8.18 19.33 -7.06
C THR A 330 -7.88 17.86 -7.34
N LEU A 331 -7.98 17.02 -6.31
CA LEU A 331 -7.77 15.58 -6.43
C LEU A 331 -9.15 14.99 -6.19
N ARG A 332 -9.64 14.22 -7.17
CA ARG A 332 -10.98 13.67 -7.10
C ARG A 332 -11.05 12.15 -7.06
N ASN A 333 -12.23 11.68 -6.65
CA ASN A 333 -12.55 10.26 -6.60
C ASN A 333 -11.60 9.52 -5.68
N ILE A 334 -11.43 10.06 -4.48
CA ILE A 334 -10.56 9.45 -3.51
C ILE A 334 -11.24 9.24 -2.16
N TYR A 335 -12.51 8.85 -2.22
CA TYR A 335 -13.23 8.60 -0.99
C TYR A 335 -12.53 7.65 -0.02
N ASN A 336 -11.95 6.54 -0.50
CA ASN A 336 -11.36 5.62 0.47
C ASN A 336 -10.16 6.07 1.25
N TRP A 337 -9.72 7.30 1.00
CA TRP A 337 -8.66 7.91 1.82
C TRP A 337 -9.26 7.91 3.24
N ARG A 338 -10.58 8.01 3.33
CA ARG A 338 -11.23 8.06 4.63
C ARG A 338 -11.18 6.80 5.46
N VAL A 339 -10.95 5.65 4.81
CA VAL A 339 -10.94 4.40 5.55
C VAL A 339 -9.57 3.71 5.63
N LYS A 340 -8.50 4.48 5.50
CA LYS A 340 -7.17 3.89 5.56
C LYS A 340 -6.43 4.11 6.88
N GLU A 341 -5.11 4.33 6.86
CA GLU A 341 -4.37 4.48 8.12
C GLU A 341 -5.00 5.48 9.09
N THR A 342 -5.67 6.48 8.51
CA THR A 342 -6.44 7.49 9.24
C THR A 342 -7.44 8.01 8.20
N ASP A 343 -8.34 8.91 8.58
CA ASP A 343 -9.22 9.46 7.55
C ASP A 343 -8.30 10.50 6.93
N ARG A 344 -7.74 10.16 5.78
CA ARG A 344 -6.79 11.02 5.11
C ARG A 344 -7.33 12.29 4.52
N LEU A 345 -8.61 12.33 4.20
CA LEU A 345 -9.15 13.58 3.66
C LEU A 345 -9.22 14.59 4.81
N PHE A 346 -9.69 14.16 5.98
CA PHE A 346 -9.77 15.07 7.12
C PHE A 346 -8.35 15.48 7.55
N ALA A 347 -7.47 14.49 7.66
CA ALA A 347 -6.12 14.75 8.12
C ALA A 347 -5.33 15.66 7.17
N MET A 348 -5.35 15.34 5.88
CA MET A 348 -4.64 16.15 4.92
C MET A 348 -5.17 17.59 4.92
N ALA A 349 -6.49 17.75 4.91
CA ALA A 349 -7.07 19.10 4.88
C ALA A 349 -6.65 19.88 6.13
N THR A 350 -6.78 19.24 7.30
CA THR A 350 -6.41 19.87 8.56
C THR A 350 -4.95 20.32 8.60
N GLU A 351 -4.02 19.43 8.25
CA GLU A 351 -2.60 19.80 8.33
C GLU A 351 -2.19 20.79 7.22
N LEU A 352 -2.79 20.68 6.05
CA LEU A 352 -2.46 21.63 4.99
C LEU A 352 -2.85 23.05 5.41
N ARG A 353 -3.98 23.19 6.09
CA ARG A 353 -4.38 24.54 6.49
C ARG A 353 -3.38 25.12 7.50
N LYS A 354 -2.74 24.26 8.28
CA LYS A 354 -1.79 24.73 9.29
C LYS A 354 -0.58 25.43 8.71
N VAL A 355 -0.17 25.05 7.49
CA VAL A 355 0.96 25.72 6.86
C VAL A 355 0.51 26.87 5.96
N GLY A 356 -0.79 27.20 6.02
CA GLY A 356 -1.29 28.34 5.25
C GLY A 356 -2.19 28.16 4.05
N ALA A 357 -2.42 26.94 3.60
CA ALA A 357 -3.26 26.72 2.43
C ALA A 357 -4.75 26.88 2.71
N GLU A 358 -5.51 27.25 1.69
CA GLU A 358 -6.96 27.32 1.83
C GLU A 358 -7.37 25.98 1.22
N VAL A 359 -8.16 25.21 1.97
CA VAL A 359 -8.55 23.87 1.53
C VAL A 359 -10.04 23.56 1.70
N GLU A 360 -10.61 22.97 0.66
CA GLU A 360 -11.98 22.51 0.72
C GLU A 360 -11.88 21.00 0.89
N GLU A 361 -12.37 20.49 2.02
CA GLU A 361 -12.35 19.05 2.23
C GLU A 361 -13.67 18.53 1.67
N GLY A 362 -13.64 17.98 0.45
CA GLY A 362 -14.85 17.45 -0.13
C GLY A 362 -15.15 16.07 0.43
N HIS A 363 -16.36 15.57 0.19
CA HIS A 363 -16.67 14.27 0.71
C HIS A 363 -15.70 13.23 0.14
N ASP A 364 -15.39 13.35 -1.14
CA ASP A 364 -14.50 12.41 -1.79
C ASP A 364 -13.47 13.06 -2.68
N TYR A 365 -13.13 14.30 -2.37
CA TYR A 365 -12.13 15.05 -3.13
C TYR A 365 -11.54 16.09 -2.21
N ILE A 366 -10.45 16.70 -2.65
CA ILE A 366 -9.83 17.76 -1.86
C ILE A 366 -9.36 18.84 -2.84
N ARG A 367 -9.63 20.10 -2.50
CA ARG A 367 -9.25 21.24 -3.34
C ARG A 367 -8.30 22.08 -2.50
N ILE A 368 -7.14 22.35 -3.09
CA ILE A 368 -6.06 23.05 -2.40
C ILE A 368 -5.58 24.31 -3.10
N THR A 369 -5.69 25.43 -2.40
CA THR A 369 -5.22 26.70 -2.95
C THR A 369 -4.02 27.08 -2.08
N PRO A 370 -2.82 27.08 -2.67
CA PRO A 370 -1.60 27.40 -1.93
C PRO A 370 -1.55 28.83 -1.45
N PRO A 371 -0.85 29.07 -0.35
CA PRO A 371 -0.72 30.43 0.18
C PRO A 371 0.43 31.07 -0.59
N GLU A 372 0.55 32.40 -0.52
CA GLU A 372 1.64 33.10 -1.20
C GLU A 372 2.94 32.60 -0.57
N LYS A 373 2.92 32.34 0.73
CA LYS A 373 4.11 31.81 1.39
C LYS A 373 3.70 30.92 2.54
N LEU A 374 4.41 29.81 2.69
CA LEU A 374 4.14 28.85 3.74
C LEU A 374 4.59 29.36 5.09
N ASN A 375 3.96 28.88 6.15
CA ASN A 375 4.38 29.26 7.49
C ASN A 375 4.74 28.00 8.26
N PHE A 376 5.44 28.17 9.38
CA PHE A 376 5.81 27.04 10.18
C PHE A 376 4.60 26.36 10.85
N ALA A 377 4.65 25.04 10.93
CA ALA A 377 3.62 24.32 11.66
C ALA A 377 4.22 23.06 12.24
N GLU A 378 3.60 22.58 13.30
CA GLU A 378 3.95 21.33 13.95
C GLU A 378 2.88 20.42 13.35
N ILE A 379 3.28 19.48 12.51
CA ILE A 379 2.35 18.61 11.83
C ILE A 379 2.00 17.34 12.61
N ALA A 380 0.69 17.11 12.80
CA ALA A 380 0.20 15.90 13.47
C ALA A 380 0.22 14.84 12.37
N THR A 381 0.58 13.61 12.72
CA THR A 381 0.69 12.56 11.73
C THR A 381 -0.29 11.40 11.80
N TYR A 382 -1.17 11.40 12.80
CA TYR A 382 -2.26 10.43 12.83
C TYR A 382 -1.85 8.97 12.68
N ASN A 383 -0.69 8.59 13.20
CA ASN A 383 -0.19 7.21 13.08
C ASN A 383 -0.20 6.78 11.61
N ASP A 384 0.05 7.75 10.74
CA ASP A 384 0.02 7.50 9.31
C ASP A 384 1.34 7.86 8.65
N HIS A 385 2.11 6.83 8.31
CA HIS A 385 3.40 7.00 7.63
C HIS A 385 3.34 8.04 6.51
N ARG A 386 2.29 8.02 5.68
CA ARG A 386 2.25 8.98 4.58
C ARG A 386 2.00 10.43 4.97
N MET A 387 1.39 10.68 6.12
CA MET A 387 1.20 12.06 6.52
C MET A 387 2.60 12.61 6.83
N ALA A 388 3.43 11.81 7.49
CA ALA A 388 4.78 12.23 7.82
C ALA A 388 5.61 12.47 6.55
N MET A 389 5.55 11.52 5.61
CA MET A 389 6.35 11.66 4.41
C MET A 389 5.83 12.80 3.53
N CYS A 390 4.53 12.91 3.36
CA CYS A 390 3.99 13.99 2.55
C CYS A 390 4.38 15.36 3.08
N PHE A 391 4.25 15.56 4.39
CA PHE A 391 4.54 16.87 4.93
C PHE A 391 6.02 17.19 5.07
N SER A 392 6.85 16.18 4.92
CA SER A 392 8.29 16.43 4.94
C SER A 392 8.61 17.38 3.78
N LEU A 393 7.78 17.36 2.73
CA LEU A 393 8.02 18.21 1.57
C LEU A 393 7.84 19.69 1.84
N VAL A 394 7.19 20.03 2.96
CA VAL A 394 7.02 21.43 3.31
C VAL A 394 8.39 22.10 3.47
N ALA A 395 9.40 21.33 3.90
CA ALA A 395 10.75 21.86 4.09
C ALA A 395 11.46 22.26 2.81
N LEU A 396 10.86 21.99 1.64
CA LEU A 396 11.45 22.41 0.36
C LEU A 396 10.98 23.84 0.10
N SER A 397 10.91 24.63 1.16
CA SER A 397 10.46 26.02 1.06
C SER A 397 11.43 26.81 1.94
N ASP A 398 11.07 28.04 2.26
CA ASP A 398 11.93 28.85 3.14
C ASP A 398 11.64 28.60 4.61
N THR A 399 10.67 27.76 4.92
CA THR A 399 10.34 27.50 6.31
C THR A 399 10.62 26.08 6.80
N PRO A 400 11.05 25.95 8.05
CA PRO A 400 11.28 24.60 8.57
C PRO A 400 9.88 24.04 8.87
N VAL A 401 9.82 22.76 9.19
CA VAL A 401 8.53 22.15 9.56
C VAL A 401 8.88 21.12 10.61
N THR A 402 8.00 20.95 11.61
CA THR A 402 8.21 19.97 12.65
C THR A 402 7.19 18.87 12.42
N ILE A 403 7.69 17.64 12.35
CA ILE A 403 6.85 16.47 12.10
C ILE A 403 6.70 15.66 13.39
N LEU A 404 5.47 15.53 13.90
CA LEU A 404 5.27 14.75 15.12
C LEU A 404 5.35 13.24 14.82
N ASP A 405 5.83 12.48 15.78
CA ASP A 405 5.94 11.01 15.67
C ASP A 405 6.54 10.60 14.32
N PRO A 406 7.75 11.09 13.99
CA PRO A 406 8.38 10.73 12.71
C PRO A 406 8.58 9.24 12.51
N LYS A 407 8.67 8.46 13.59
CA LYS A 407 8.87 7.03 13.42
C LYS A 407 7.65 6.31 12.84
N CYS A 408 6.53 7.01 12.69
CA CYS A 408 5.38 6.36 12.10
C CYS A 408 5.70 6.00 10.64
N THR A 409 6.75 6.58 10.05
CA THR A 409 7.08 6.22 8.66
C THR A 409 7.50 4.76 8.57
N ALA A 410 7.85 4.15 9.69
CA ALA A 410 8.30 2.76 9.73
C ALA A 410 7.25 1.77 9.26
N LYS A 411 6.00 2.20 9.10
CA LYS A 411 4.97 1.28 8.62
C LYS A 411 5.39 0.71 7.26
N THR A 412 5.97 1.55 6.42
CA THR A 412 6.44 1.13 5.10
C THR A 412 7.83 1.63 4.73
N PHE A 413 8.41 2.53 5.54
CA PHE A 413 9.69 3.10 5.11
C PHE A 413 10.43 3.60 6.33
N PRO A 414 11.03 2.69 7.10
CA PRO A 414 11.77 3.07 8.31
C PRO A 414 12.86 4.12 8.09
N ASP A 415 13.58 4.01 6.98
CA ASP A 415 14.68 4.93 6.71
C ASP A 415 14.31 6.17 5.90
N TYR A 416 13.03 6.50 5.85
CA TYR A 416 12.61 7.64 5.04
C TYR A 416 13.41 8.92 5.23
N PHE A 417 13.52 9.40 6.48
CA PHE A 417 14.20 10.68 6.66
C PHE A 417 15.68 10.68 6.32
N GLU A 418 16.34 9.56 6.56
CA GLU A 418 17.74 9.50 6.20
C GLU A 418 17.84 9.53 4.66
N GLN A 419 16.92 8.89 3.96
CA GLN A 419 16.95 8.90 2.50
C GLN A 419 16.61 10.28 1.93
N LEU A 420 15.65 10.97 2.54
CA LEU A 420 15.35 12.31 2.06
C LEU A 420 16.59 13.18 2.28
N ALA A 421 17.27 12.97 3.40
CA ALA A 421 18.46 13.75 3.70
C ALA A 421 19.57 13.47 2.69
N ARG A 422 19.65 12.23 2.22
CA ARG A 422 20.69 11.87 1.26
C ARG A 422 20.61 12.72 -0.02
N ILE A 423 19.41 13.08 -0.47
CA ILE A 423 19.28 13.89 -1.68
C ILE A 423 19.07 15.37 -1.37
N SER A 424 19.07 15.75 -0.08
CA SER A 424 18.91 17.16 0.30
C SER A 424 20.26 17.83 0.20
N GLN A 425 20.35 18.91 -0.57
CA GLN A 425 21.61 19.63 -0.76
C GLN A 425 21.49 21.04 -0.20
N ALA A 426 22.60 21.57 0.31
CA ALA A 426 22.58 22.90 0.88
C ALA A 426 22.85 23.93 -0.21
N ALA A 427 23.49 23.47 -1.28
CA ALA A 427 23.83 24.33 -2.41
C ALA A 427 23.22 23.77 -3.68
#